data_8D0C
#
_entry.id   8D0C
#
_cell.length_a   87.086
_cell.length_b   117.230
_cell.length_c   32.865
_cell.angle_alpha   90.000
_cell.angle_beta   90.000
_cell.angle_gamma   90.000
#
_symmetry.space_group_name_H-M   'P 21 21 2'
#
loop_
_entity.id
_entity.type
_entity.pdbx_description
1 polymer 'NAD(+) hydrolase SARM1'
2 non-polymer '[[(2~{R},3~{S},4~{R},5~{R})-5-(6-aminopurin-9-yl)-3,4-bis(oxidanyl)oxolan-2-yl]methoxy-oxidanyl-phosphoryl] [(2~{R},3~{S},4~{R},5~{R})-5-[4-[(1~{S})-1-[methyl-[2,2,2-tris(fluoranyl)ethylcarbamoyl]amino]ethyl]pyridin-1-yl]-3,4-bis(oxidanyl)oxolan-2-yl]methyl hydrogen phosphate'
3 water water
#
_entity_poly.entity_id   1
_entity_poly.type   'polypeptide(L)'
_entity_poly.pdbx_seq_one_letter_code
;SGDTPDVFISYRRNSGSQLASLLKVHLQLHGFSVFIDVEKLEAGKFEDKLIQSVMGARNFVLVLSPGALDKCMQDHDCKD
WVHKEIVTALSCGKNIVPIIDGFEWPEPQVLPEDMQAVLTFNGIKWSHEYQEATIEKIIRFLQ
;
_entity_poly.pdbx_strand_id   A,B
#
# COMPACT_ATOMS: atom_id res chain seq x y z
N THR A 4 20.70 1.50 -15.70
CA THR A 4 20.87 1.00 -14.33
C THR A 4 20.13 1.88 -13.30
N PRO A 5 19.05 1.33 -12.73
CA PRO A 5 18.29 2.06 -11.71
C PRO A 5 19.13 2.51 -10.51
N ASP A 6 18.71 3.63 -9.93
CA ASP A 6 19.30 4.22 -8.72
C ASP A 6 18.90 3.47 -7.45
N VAL A 7 17.69 2.92 -7.42
CA VAL A 7 17.04 2.42 -6.22
C VAL A 7 16.47 1.04 -6.52
N PHE A 8 16.84 0.06 -5.71
CA PHE A 8 16.27 -1.28 -5.76
C PHE A 8 15.38 -1.43 -4.53
N ILE A 9 14.13 -1.85 -4.75
CA ILE A 9 13.17 -2.02 -3.66
C ILE A 9 12.97 -3.50 -3.42
N SER A 10 13.33 -3.95 -2.22
CA SER A 10 13.19 -5.33 -1.79
C SER A 10 12.04 -5.43 -0.79
N TYR A 11 11.19 -6.43 -0.96
CA TYR A 11 9.91 -6.42 -0.23
C TYR A 11 9.30 -7.80 -0.24
N ARG A 12 8.38 -8.02 0.68
CA ARG A 12 7.70 -9.29 0.83
C ARG A 12 6.34 -9.16 0.15
N ARG A 13 6.06 -10.03 -0.83
CA ARG A 13 4.85 -9.90 -1.64
C ARG A 13 3.59 -9.94 -0.78
N ASN A 14 3.52 -10.86 0.18
CA ASN A 14 2.28 -11.06 0.93
C ASN A 14 2.02 -9.99 1.98
N SER A 15 2.96 -9.06 2.19
CA SER A 15 2.78 -8.06 3.24
C SER A 15 3.28 -6.67 2.89
N GLY A 16 4.11 -6.50 1.86
CA GLY A 16 4.64 -5.19 1.55
C GLY A 16 4.47 -4.72 0.13
N SER A 17 3.64 -5.41 -0.66
CA SER A 17 3.45 -5.04 -2.07
C SER A 17 2.92 -3.62 -2.20
N GLN A 18 1.95 -3.24 -1.36
CA GLN A 18 1.34 -1.93 -1.54
C GLN A 18 2.31 -0.83 -1.13
N LEU A 19 2.97 -0.98 0.02
CA LEU A 19 3.96 0.03 0.42
C LEU A 19 5.12 0.10 -0.56
N ALA A 20 5.61 -1.06 -1.04
CA ALA A 20 6.68 -1.06 -2.03
C ALA A 20 6.27 -0.32 -3.30
N SER A 21 5.03 -0.53 -3.75
CA SER A 21 4.53 0.16 -4.93
C SER A 21 4.38 1.66 -4.66
N LEU A 22 3.89 2.01 -3.47
CA LEU A 22 3.71 3.41 -3.12
C LEU A 22 5.05 4.13 -3.05
N LEU A 23 6.06 3.47 -2.50
CA LEU A 23 7.41 4.02 -2.50
C LEU A 23 7.94 4.23 -3.92
N LYS A 24 7.66 3.28 -4.83
CA LYS A 24 8.16 3.42 -6.20
C LYS A 24 7.58 4.64 -6.89
N VAL A 25 6.28 4.88 -6.71
CA VAL A 25 5.66 6.06 -7.30
C VAL A 25 6.30 7.34 -6.76
N HIS A 26 6.37 7.47 -5.43
CA HIS A 26 6.92 8.69 -4.84
C HIS A 26 8.35 8.92 -5.30
N LEU A 27 9.17 7.87 -5.28
CA LEU A 27 10.59 8.05 -5.62
C LEU A 27 10.75 8.43 -7.07
N GLN A 28 9.94 7.84 -7.97
CA GLN A 28 9.99 8.22 -9.38
C GLN A 28 9.57 9.68 -9.58
N LEU A 29 8.55 10.12 -8.83
CA LEU A 29 8.11 11.51 -8.95
C LEU A 29 9.20 12.49 -8.54
N HIS A 30 10.13 12.04 -7.70
CA HIS A 30 11.23 12.89 -7.24
C HIS A 30 12.50 12.62 -8.01
N GLY A 31 12.42 11.92 -9.13
CA GLY A 31 13.50 11.81 -10.09
C GLY A 31 14.41 10.61 -9.98
N PHE A 32 14.06 9.60 -9.20
CA PHE A 32 14.89 8.41 -9.09
C PHE A 32 14.39 7.33 -10.04
N SER A 33 15.31 6.66 -10.70
CA SER A 33 14.97 5.43 -11.39
C SER A 33 14.89 4.31 -10.36
N VAL A 34 13.81 3.53 -10.41
CA VAL A 34 13.49 2.56 -9.38
C VAL A 34 13.39 1.18 -10.02
N PHE A 35 14.00 0.18 -9.37
CA PHE A 35 13.73 -1.22 -9.67
C PHE A 35 12.75 -1.76 -8.65
N ILE A 36 11.60 -2.22 -9.13
CA ILE A 36 10.74 -3.14 -8.39
C ILE A 36 10.39 -4.24 -9.36
N ASP A 37 10.26 -5.48 -8.85
CA ASP A 37 10.29 -6.65 -9.73
C ASP A 37 9.15 -6.63 -10.76
N VAL A 38 7.94 -6.30 -10.32
CA VAL A 38 6.77 -6.37 -11.21
C VAL A 38 6.80 -5.31 -12.31
N GLU A 39 7.68 -4.33 -12.20
CA GLU A 39 7.82 -3.34 -13.26
C GLU A 39 9.05 -3.56 -14.12
N LYS A 40 10.16 -4.02 -13.53
CA LYS A 40 11.45 -4.00 -14.19
C LYS A 40 12.11 -5.35 -14.37
N LEU A 41 11.71 -6.38 -13.64
CA LEU A 41 12.29 -7.69 -13.86
C LEU A 41 11.76 -8.25 -15.17
N GLU A 42 12.64 -8.39 -16.16
CA GLU A 42 12.16 -8.75 -17.49
C GLU A 42 12.66 -10.15 -17.86
N ALA A 43 12.94 -10.37 -19.14
CA ALA A 43 13.13 -11.72 -19.65
C ALA A 43 14.45 -12.32 -19.16
N GLY A 44 14.46 -13.64 -19.00
CA GLY A 44 15.66 -14.40 -18.72
C GLY A 44 15.61 -15.09 -17.37
N LYS A 45 16.73 -15.73 -17.02
CA LYS A 45 16.79 -16.42 -15.73
C LYS A 45 16.81 -15.40 -14.59
N PHE A 46 15.75 -15.42 -13.77
CA PHE A 46 15.52 -14.33 -12.85
C PHE A 46 16.55 -14.29 -11.75
N GLU A 47 17.16 -15.43 -11.40
CA GLU A 47 18.16 -15.43 -10.33
C GLU A 47 19.35 -14.54 -10.68
N ASP A 48 19.84 -14.66 -11.91
CA ASP A 48 20.93 -13.80 -12.36
C ASP A 48 20.49 -12.35 -12.46
N LYS A 49 19.28 -12.11 -12.99
CA LYS A 49 18.86 -10.74 -13.24
C LYS A 49 18.54 -10.00 -11.94
N LEU A 50 17.98 -10.69 -10.95
CA LEU A 50 17.67 -10.03 -9.70
C LEU A 50 18.94 -9.60 -8.98
N ILE A 51 19.95 -10.47 -8.97
CA ILE A 51 21.20 -10.16 -8.30
C ILE A 51 21.94 -9.06 -9.04
N GLN A 52 21.94 -9.09 -10.38
CA GLN A 52 22.58 -7.98 -11.09
C GLN A 52 21.85 -6.66 -10.83
N SER A 53 20.54 -6.71 -10.59
CA SER A 53 19.79 -5.47 -10.32
C SER A 53 20.15 -4.89 -8.96
N VAL A 54 20.21 -5.74 -7.92
CA VAL A 54 20.73 -5.29 -6.63
C VAL A 54 22.14 -4.71 -6.81
N MET A 55 23.01 -5.45 -7.50
CA MET A 55 24.42 -5.02 -7.65
C MET A 55 24.54 -3.68 -8.36
N GLY A 56 23.64 -3.39 -9.30
CA GLY A 56 23.75 -2.19 -10.09
C GLY A 56 23.15 -0.94 -9.47
N ALA A 57 22.35 -1.07 -8.43
CA ALA A 57 21.63 0.06 -7.84
C ALA A 57 22.36 0.55 -6.60
N ARG A 58 22.59 1.86 -6.54
CA ARG A 58 23.32 2.44 -5.40
C ARG A 58 22.54 2.25 -4.09
N ASN A 59 21.23 2.42 -4.14
CA ASN A 59 20.39 2.40 -2.95
C ASN A 59 19.58 1.11 -2.89
N PHE A 60 19.48 0.57 -1.70
CA PHE A 60 18.76 -0.67 -1.45
C PHE A 60 17.69 -0.34 -0.41
N VAL A 61 16.45 -0.17 -0.87
CA VAL A 61 15.34 0.14 0.02
C VAL A 61 14.66 -1.17 0.38
N LEU A 62 14.61 -1.47 1.67
CA LEU A 62 14.07 -2.73 2.18
C LEU A 62 12.77 -2.46 2.93
N VAL A 63 11.66 -3.00 2.43
CA VAL A 63 10.35 -2.76 3.05
C VAL A 63 10.18 -3.75 4.19
N LEU A 64 10.29 -3.27 5.42
CA LEU A 64 10.15 -4.12 6.60
C LEU A 64 8.70 -4.03 7.09
N SER A 65 7.84 -4.77 6.42
CA SER A 65 6.46 -4.97 6.86
C SER A 65 6.47 -6.06 7.93
N PRO A 66 5.35 -6.26 8.65
CA PRO A 66 5.36 -7.24 9.75
C PRO A 66 5.75 -8.63 9.24
N GLY A 67 6.66 -9.27 9.96
CA GLY A 67 7.09 -10.61 9.59
C GLY A 67 7.93 -10.69 8.34
N ALA A 68 8.44 -9.56 7.83
CA ALA A 68 9.05 -9.54 6.51
C ALA A 68 10.31 -10.40 6.44
N LEU A 69 10.98 -10.61 7.56
CA LEU A 69 12.18 -11.43 7.59
C LEU A 69 11.93 -12.85 8.11
N ASP A 70 10.66 -13.21 8.37
CA ASP A 70 10.36 -14.53 8.93
C ASP A 70 10.91 -15.65 8.06
N LYS A 71 10.66 -15.57 6.75
CA LYS A 71 11.13 -16.60 5.83
C LYS A 71 12.66 -16.61 5.70
N CYS A 72 13.34 -15.58 6.18
CA CYS A 72 14.80 -15.61 6.20
C CYS A 72 15.32 -16.48 7.33
N MET A 73 14.55 -16.64 8.38
CA MET A 73 15.03 -17.37 9.54
C MET A 73 15.23 -18.84 9.18
N GLN A 74 16.40 -19.36 9.53
CA GLN A 74 16.85 -20.72 9.27
C GLN A 74 17.01 -21.02 7.78
N ASP A 75 17.02 -20.00 6.93
CA ASP A 75 17.23 -20.23 5.50
C ASP A 75 18.73 -20.29 5.26
N HIS A 76 19.34 -21.36 5.77
CA HIS A 76 20.78 -21.44 5.75
C HIS A 76 21.33 -21.78 4.37
N ASP A 77 20.52 -22.41 3.51
CA ASP A 77 20.84 -22.59 2.09
C ASP A 77 20.63 -21.33 1.26
N CYS A 78 20.12 -20.25 1.85
CA CYS A 78 19.94 -18.97 1.16
C CYS A 78 19.02 -19.13 -0.07
N LYS A 79 17.86 -19.77 0.14
CA LYS A 79 16.87 -19.97 -0.91
C LYS A 79 15.76 -18.92 -0.88
N ASP A 80 15.61 -18.18 0.21
CA ASP A 80 14.62 -17.12 0.29
C ASP A 80 15.11 -15.89 -0.46
N TRP A 81 14.21 -15.26 -1.23
CA TRP A 81 14.64 -14.21 -2.14
C TRP A 81 14.92 -12.90 -1.44
N VAL A 82 14.19 -12.58 -0.38
CA VAL A 82 14.57 -11.40 0.39
C VAL A 82 15.93 -11.61 1.04
N HIS A 83 16.18 -12.81 1.57
CA HIS A 83 17.49 -13.15 2.12
C HIS A 83 18.60 -12.98 1.07
N LYS A 84 18.37 -13.47 -0.15
CA LYS A 84 19.38 -13.34 -1.20
C LYS A 84 19.64 -11.89 -1.55
N GLU A 85 18.58 -11.08 -1.66
CA GLU A 85 18.77 -9.68 -2.05
C GLU A 85 19.51 -8.91 -0.98
N ILE A 86 19.21 -9.17 0.30
CA ILE A 86 19.89 -8.49 1.40
C ILE A 86 21.36 -8.85 1.42
N VAL A 87 21.68 -10.14 1.28
CA VAL A 87 23.09 -10.53 1.33
C VAL A 87 23.85 -9.89 0.18
N THR A 88 23.21 -9.82 -1.00
CA THR A 88 23.85 -9.13 -2.13
C THR A 88 24.08 -7.66 -1.80
N ALA A 89 23.08 -6.99 -1.24
CA ALA A 89 23.23 -5.58 -0.87
C ALA A 89 24.36 -5.40 0.14
N LEU A 90 24.43 -6.28 1.14
CA LEU A 90 25.47 -6.15 2.17
C LEU A 90 26.85 -6.42 1.59
N SER A 91 26.95 -7.41 0.70
CA SER A 91 28.23 -7.77 0.09
C SER A 91 28.77 -6.65 -0.79
N CYS A 92 27.89 -5.91 -1.46
CA CYS A 92 28.33 -4.83 -2.33
C CYS A 92 28.45 -3.50 -1.60
N GLY A 93 28.23 -3.47 -0.29
CA GLY A 93 28.29 -2.21 0.43
C GLY A 93 27.30 -1.16 -0.05
N LYS A 94 26.07 -1.58 -0.40
CA LYS A 94 25.08 -0.63 -0.87
C LYS A 94 24.56 0.25 0.27
N ASN A 95 23.99 1.39 -0.10
CA ASN A 95 23.29 2.24 0.87
C ASN A 95 21.95 1.59 1.18
N ILE A 96 21.89 0.86 2.30
CA ILE A 96 20.69 0.13 2.69
C ILE A 96 19.79 1.05 3.54
N VAL A 97 18.55 1.21 3.10
CA VAL A 97 17.59 2.11 3.77
C VAL A 97 16.36 1.28 4.14
N PRO A 98 16.28 0.76 5.36
CA PRO A 98 15.08 0.01 5.76
C PRO A 98 13.92 0.94 6.03
N ILE A 99 12.74 0.53 5.57
CA ILE A 99 11.48 1.26 5.81
C ILE A 99 10.64 0.43 6.78
N ILE A 100 10.36 1.00 7.95
CA ILE A 100 9.75 0.26 9.06
C ILE A 100 8.24 0.48 9.04
N ASP A 101 7.48 -0.59 8.83
CA ASP A 101 6.01 -0.50 8.77
C ASP A 101 5.38 -1.61 9.62
N GLY A 102 5.35 -1.41 10.93
CA GLY A 102 4.87 -2.47 11.79
C GLY A 102 5.81 -3.65 11.94
N PHE A 103 7.06 -3.50 11.52
CA PHE A 103 8.07 -4.53 11.72
C PHE A 103 8.47 -4.58 13.19
N GLU A 104 8.68 -5.80 13.70
CA GLU A 104 9.15 -6.00 15.07
C GLU A 104 10.61 -6.38 15.03
N TRP A 105 11.44 -5.70 15.81
CA TRP A 105 12.88 -5.92 15.72
C TRP A 105 13.24 -7.25 16.36
N PRO A 106 13.79 -8.20 15.61
CA PRO A 106 14.14 -9.50 16.19
C PRO A 106 15.54 -9.46 16.78
N GLU A 107 15.79 -10.41 17.66
CA GLU A 107 17.16 -10.62 18.10
C GLU A 107 17.99 -11.16 16.93
N PRO A 108 19.18 -10.60 16.71
CA PRO A 108 19.96 -10.98 15.51
C PRO A 108 20.12 -12.48 15.32
N GLN A 109 20.30 -13.23 16.42
CA GLN A 109 20.65 -14.64 16.32
C GLN A 109 19.58 -15.48 15.61
N VAL A 110 18.35 -14.99 15.49
CA VAL A 110 17.29 -15.74 14.81
C VAL A 110 17.43 -15.68 13.30
N LEU A 111 18.31 -14.78 12.76
CA LEU A 111 18.59 -14.56 11.36
C LEU A 111 19.90 -15.24 10.96
N PRO A 112 20.00 -15.71 9.72
CA PRO A 112 21.28 -16.29 9.26
C PRO A 112 22.39 -15.27 9.43
N GLU A 113 23.59 -15.74 9.76
CA GLU A 113 24.64 -14.81 10.14
C GLU A 113 25.02 -13.87 8.99
N ASP A 114 24.85 -14.32 7.73
CA ASP A 114 25.29 -13.50 6.61
C ASP A 114 24.34 -12.34 6.31
N MET A 115 23.25 -12.18 7.06
CA MET A 115 22.38 -11.02 6.86
C MET A 115 22.06 -10.28 8.15
N GLN A 116 22.66 -10.67 9.29
CA GLN A 116 22.36 -9.99 10.55
C GLN A 116 22.71 -8.51 10.50
N ALA A 117 23.75 -8.13 9.77
CA ALA A 117 24.15 -6.74 9.71
C ALA A 117 23.05 -5.83 9.16
N VAL A 118 22.01 -6.39 8.53
CA VAL A 118 20.97 -5.53 7.97
C VAL A 118 20.30 -4.71 9.05
N LEU A 119 20.20 -5.24 10.27
CA LEU A 119 19.52 -4.54 11.35
C LEU A 119 20.34 -3.41 11.95
N THR A 120 21.63 -3.33 11.62
CA THR A 120 22.46 -2.24 12.11
C THR A 120 22.32 -0.97 11.27
N PHE A 121 21.49 -0.99 10.23
CA PHE A 121 21.31 0.17 9.39
C PHE A 121 20.17 1.02 9.93
N ASN A 122 20.31 2.33 9.81
CA ASN A 122 19.28 3.23 10.31
C ASN A 122 18.02 3.11 9.45
N GLY A 123 16.88 2.81 10.08
CA GLY A 123 15.62 2.67 9.39
C GLY A 123 14.67 3.85 9.56
N ILE A 124 13.67 3.94 8.68
CA ILE A 124 12.73 5.06 8.67
C ILE A 124 11.36 4.50 9.02
N LYS A 125 10.76 5.04 10.07
CA LYS A 125 9.42 4.62 10.49
C LYS A 125 8.39 5.20 9.51
N TRP A 126 7.63 4.32 8.86
CA TRP A 126 6.57 4.76 7.96
C TRP A 126 5.41 5.35 8.78
N SER A 127 4.99 6.57 8.45
CA SER A 127 3.89 7.21 9.17
C SER A 127 2.71 7.38 8.23
N HIS A 128 1.59 6.74 8.57
CA HIS A 128 0.38 6.86 7.75
C HIS A 128 -0.19 8.27 7.78
N GLU A 129 -0.03 8.97 8.90
CA GLU A 129 -0.51 10.35 9.03
C GLU A 129 0.40 11.36 8.35
N TYR A 130 1.70 11.09 8.24
CA TYR A 130 2.67 12.07 7.75
C TYR A 130 3.50 11.43 6.63
N GLN A 131 2.79 10.94 5.62
CA GLN A 131 3.44 10.23 4.52
C GLN A 131 4.36 11.14 3.73
N GLU A 132 3.93 12.38 3.47
CA GLU A 132 4.78 13.32 2.75
C GLU A 132 6.10 13.54 3.49
N ALA A 133 6.03 13.70 4.83
CA ALA A 133 7.23 13.87 5.63
C ALA A 133 8.10 12.62 5.60
N THR A 134 7.46 11.45 5.64
CA THR A 134 8.20 10.19 5.52
C THR A 134 8.96 10.13 4.20
N ILE A 135 8.27 10.46 3.10
CA ILE A 135 8.89 10.41 1.77
C ILE A 135 10.07 11.37 1.69
N GLU A 136 9.93 12.57 2.25
CA GLU A 136 11.03 13.54 2.25
C GLU A 136 12.22 13.00 3.03
N LYS A 137 11.98 12.36 4.17
CA LYS A 137 13.08 11.73 4.91
C LYS A 137 13.75 10.64 4.08
N ILE A 138 12.96 9.76 3.44
CA ILE A 138 13.55 8.72 2.61
C ILE A 138 14.45 9.33 1.54
N ILE A 139 13.98 10.40 0.88
CA ILE A 139 14.76 11.00 -0.18
C ILE A 139 16.05 11.59 0.36
N ARG A 140 16.02 12.13 1.59
CA ARG A 140 17.25 12.53 2.26
C ARG A 140 18.22 11.36 2.40
N PHE A 141 17.72 10.17 2.72
CA PHE A 141 18.60 9.03 2.96
C PHE A 141 19.25 8.53 1.66
N LEU A 142 18.63 8.79 0.52
CA LEU A 142 19.09 8.27 -0.75
C LEU A 142 20.29 9.04 -1.29
N GLN A 143 21.10 8.35 -2.10
CA GLN A 143 22.27 8.93 -2.78
C GLN A 143 22.09 9.01 -4.29
N THR B 4 -14.51 21.57 -3.13
CA THR B 4 -15.08 20.27 -2.80
C THR B 4 -14.40 19.14 -3.57
N PRO B 5 -13.87 18.15 -2.86
CA PRO B 5 -13.22 17.02 -3.53
C PRO B 5 -14.18 16.25 -4.42
N ASP B 6 -13.61 15.71 -5.50
CA ASP B 6 -14.32 14.85 -6.45
C ASP B 6 -14.39 13.40 -6.01
N VAL B 7 -13.41 12.93 -5.23
CA VAL B 7 -13.29 11.53 -4.87
C VAL B 7 -13.20 11.39 -3.36
N PHE B 8 -14.10 10.59 -2.78
CA PHE B 8 -13.96 10.14 -1.41
C PHE B 8 -13.41 8.72 -1.39
N ILE B 9 -12.34 8.51 -0.63
CA ILE B 9 -11.75 7.18 -0.46
C ILE B 9 -12.12 6.66 0.93
N SER B 10 -12.88 5.56 0.95
CA SER B 10 -13.27 4.88 2.17
C SER B 10 -12.49 3.56 2.26
N TYR B 11 -11.97 3.25 3.45
CA TYR B 11 -11.01 2.17 3.55
C TYR B 11 -10.86 1.75 5.02
N ARG B 12 -10.33 0.55 5.23
CA ARG B 12 -10.05 0.03 6.56
C ARG B 12 -8.60 0.32 6.92
N ARG B 13 -8.37 0.96 8.06
CA ARG B 13 -7.01 1.34 8.43
C ARG B 13 -6.10 0.12 8.53
N ASN B 14 -6.58 -0.96 9.17
CA ASN B 14 -5.68 -2.04 9.48
C ASN B 14 -5.38 -2.93 8.27
N SER B 15 -6.06 -2.71 7.14
CA SER B 15 -5.82 -3.57 5.99
C SER B 15 -5.75 -2.83 4.66
N GLY B 16 -6.27 -1.61 4.54
CA GLY B 16 -6.34 -0.93 3.26
C GLY B 16 -5.57 0.37 3.20
N SER B 17 -4.77 0.63 4.24
CA SER B 17 -4.13 1.93 4.39
C SER B 17 -3.16 2.22 3.24
N GLN B 18 -2.35 1.23 2.86
CA GLN B 18 -1.34 1.50 1.83
C GLN B 18 -1.99 1.64 0.46
N LEU B 19 -2.95 0.77 0.15
CA LEU B 19 -3.64 0.86 -1.15
C LEU B 19 -4.44 2.14 -1.26
N ALA B 20 -5.12 2.55 -0.18
CA ALA B 20 -5.88 3.80 -0.19
C ALA B 20 -4.98 4.99 -0.48
N SER B 21 -3.78 4.99 0.10
CA SER B 21 -2.82 6.06 -0.14
C SER B 21 -2.27 6.00 -1.55
N LEU B 22 -1.96 4.80 -2.04
CA LEU B 22 -1.51 4.64 -3.42
C LEU B 22 -2.56 5.16 -4.38
N LEU B 23 -3.84 4.80 -4.13
CA LEU B 23 -4.92 5.28 -4.97
C LEU B 23 -4.99 6.80 -4.94
N LYS B 24 -4.78 7.39 -3.76
CA LYS B 24 -4.85 8.84 -3.66
C LYS B 24 -3.75 9.49 -4.49
N VAL B 25 -2.53 8.97 -4.40
CA VAL B 25 -1.43 9.54 -5.16
C VAL B 25 -1.74 9.51 -6.65
N HIS B 26 -2.14 8.35 -7.17
CA HIS B 26 -2.41 8.24 -8.60
C HIS B 26 -3.56 9.15 -9.04
N LEU B 27 -4.65 9.18 -8.28
CA LEU B 27 -5.78 10.00 -8.70
C LEU B 27 -5.40 11.48 -8.72
N GLN B 28 -4.64 11.94 -7.72
CA GLN B 28 -4.17 13.32 -7.73
C GLN B 28 -3.29 13.59 -8.96
N LEU B 29 -2.42 12.63 -9.33
CA LEU B 29 -1.59 12.82 -10.51
C LEU B 29 -2.44 12.96 -11.77
N HIS B 30 -3.63 12.36 -11.77
CA HIS B 30 -4.51 12.43 -12.93
C HIS B 30 -5.54 13.54 -12.82
N GLY B 31 -5.37 14.45 -11.86
CA GLY B 31 -6.17 15.66 -11.79
C GLY B 31 -7.37 15.67 -10.86
N PHE B 32 -7.65 14.59 -10.13
CA PHE B 32 -8.80 14.59 -9.23
C PHE B 32 -8.42 15.18 -7.86
N SER B 33 -9.35 15.92 -7.27
CA SER B 33 -9.22 16.27 -5.86
C SER B 33 -9.69 15.09 -5.03
N VAL B 34 -8.86 14.61 -4.11
CA VAL B 34 -9.15 13.39 -3.37
C VAL B 34 -9.26 13.69 -1.88
N PHE B 35 -10.33 13.20 -1.27
CA PHE B 35 -10.46 13.17 0.19
C PHE B 35 -10.03 11.79 0.69
N ILE B 36 -9.03 11.77 1.57
CA ILE B 36 -8.76 10.65 2.47
C ILE B 36 -8.54 11.26 3.85
N ASP B 37 -8.95 10.53 4.89
CA ASP B 37 -9.09 11.13 6.22
C ASP B 37 -7.78 11.73 6.73
N VAL B 38 -6.67 11.00 6.60
CA VAL B 38 -5.41 11.45 7.21
C VAL B 38 -4.86 12.74 6.61
N GLU B 39 -5.36 13.18 5.46
CA GLU B 39 -4.91 14.41 4.84
C GLU B 39 -5.96 15.50 4.79
N LYS B 40 -7.25 15.17 4.87
CA LYS B 40 -8.30 16.15 4.60
C LYS B 40 -9.38 16.25 5.66
N LEU B 41 -9.48 15.30 6.59
CA LEU B 41 -10.37 15.46 7.72
C LEU B 41 -9.73 16.44 8.67
N GLU B 42 -10.35 17.60 8.86
CA GLU B 42 -9.67 18.58 9.70
C GLU B 42 -10.47 18.90 10.95
N ALA B 43 -10.37 20.12 11.47
CA ALA B 43 -10.85 20.40 12.81
C ALA B 43 -12.37 20.27 12.87
N GLY B 44 -12.87 19.85 14.04
CA GLY B 44 -14.29 19.86 14.31
C GLY B 44 -14.81 18.49 14.68
N LYS B 45 -16.13 18.40 14.81
CA LYS B 45 -16.78 17.14 15.17
C LYS B 45 -16.77 16.23 13.95
N PHE B 46 -15.94 15.17 14.00
CA PHE B 46 -15.66 14.41 12.79
C PHE B 46 -16.88 13.65 12.29
N GLU B 47 -17.86 13.38 13.15
CA GLU B 47 -19.10 12.76 12.67
C GLU B 47 -19.72 13.58 11.54
N ASP B 48 -19.89 14.89 11.76
CA ASP B 48 -20.45 15.76 10.73
C ASP B 48 -19.50 15.90 9.55
N LYS B 49 -18.22 16.13 9.82
CA LYS B 49 -17.26 16.40 8.76
C LYS B 49 -17.11 15.22 7.80
N LEU B 50 -17.10 14.00 8.34
CA LEU B 50 -16.95 12.84 7.48
C LEU B 50 -18.16 12.66 6.57
N ILE B 51 -19.36 12.69 7.15
CA ILE B 51 -20.60 12.54 6.40
C ILE B 51 -20.72 13.60 5.32
N GLN B 52 -20.41 14.87 5.67
CA GLN B 52 -20.46 15.93 4.67
C GLN B 52 -19.42 15.75 3.57
N SER B 53 -18.27 15.19 3.93
CA SER B 53 -17.26 14.95 2.92
C SER B 53 -17.68 13.85 1.95
N VAL B 54 -18.35 12.80 2.44
CA VAL B 54 -18.96 11.83 1.53
C VAL B 54 -19.95 12.52 0.61
N MET B 55 -20.84 13.34 1.18
CA MET B 55 -21.88 14.01 0.41
C MET B 55 -21.28 14.93 -0.65
N GLY B 56 -20.17 15.58 -0.34
CA GLY B 56 -19.63 16.56 -1.28
C GLY B 56 -18.93 15.95 -2.48
N ALA B 57 -18.54 14.69 -2.40
CA ALA B 57 -17.72 14.08 -3.44
C ALA B 57 -18.60 13.27 -4.38
N ARG B 58 -18.45 13.52 -5.69
CA ARG B 58 -19.25 12.80 -6.68
C ARG B 58 -18.89 11.31 -6.70
N ASN B 59 -17.63 10.98 -6.49
CA ASN B 59 -17.14 9.62 -6.58
C ASN B 59 -16.83 9.08 -5.19
N PHE B 60 -17.23 7.85 -4.93
CA PHE B 60 -17.00 7.14 -3.66
C PHE B 60 -16.19 5.88 -3.97
N VAL B 61 -14.88 5.93 -3.70
CA VAL B 61 -13.98 4.82 -4.00
C VAL B 61 -13.83 3.98 -2.73
N LEU B 62 -14.26 2.73 -2.80
CA LEU B 62 -14.33 1.85 -1.64
C LEU B 62 -13.23 0.80 -1.72
N VAL B 63 -12.32 0.81 -0.77
CA VAL B 63 -11.18 -0.10 -0.79
C VAL B 63 -11.57 -1.39 -0.08
N LEU B 64 -11.78 -2.44 -0.88
CA LEU B 64 -12.19 -3.75 -0.36
C LEU B 64 -10.94 -4.62 -0.26
N SER B 65 -10.18 -4.37 0.80
CA SER B 65 -9.11 -5.23 1.24
C SER B 65 -9.72 -6.45 1.91
N PRO B 66 -8.93 -7.47 2.24
CA PRO B 66 -9.50 -8.67 2.85
C PRO B 66 -10.17 -8.35 4.18
N GLY B 67 -11.41 -8.82 4.32
CA GLY B 67 -12.16 -8.59 5.56
C GLY B 67 -12.60 -7.16 5.82
N ALA B 68 -12.57 -6.29 4.81
CA ALA B 68 -12.82 -4.88 5.03
C ALA B 68 -14.24 -4.59 5.50
N LEU B 69 -15.19 -5.47 5.24
CA LEU B 69 -16.56 -5.26 5.69
C LEU B 69 -16.89 -6.07 6.95
N ASP B 70 -15.89 -6.69 7.57
CA ASP B 70 -16.13 -7.55 8.74
C ASP B 70 -16.74 -6.75 9.88
N LYS B 71 -16.19 -5.57 10.19
CA LYS B 71 -16.72 -4.77 11.30
C LYS B 71 -18.11 -4.19 11.00
N CYS B 72 -18.55 -4.18 9.74
CA CYS B 72 -19.92 -3.78 9.42
C CYS B 72 -20.94 -4.85 9.80
N MET B 73 -20.51 -6.09 9.95
CA MET B 73 -21.45 -7.19 10.13
C MET B 73 -22.09 -7.11 11.50
N GLN B 74 -23.43 -7.16 11.52
CA GLN B 74 -24.27 -6.96 12.71
C GLN B 74 -24.10 -5.58 13.35
N ASP B 75 -23.53 -4.61 12.62
CA ASP B 75 -23.43 -3.24 13.12
C ASP B 75 -24.72 -2.49 12.80
N HIS B 76 -25.81 -2.94 13.41
CA HIS B 76 -27.12 -2.43 13.06
C HIS B 76 -27.37 -1.03 13.60
N ASP B 77 -26.80 -0.69 14.76
CA ASP B 77 -26.84 0.67 15.27
C ASP B 77 -25.83 1.59 14.58
N CYS B 78 -25.22 1.15 13.47
CA CYS B 78 -24.51 2.03 12.55
C CYS B 78 -23.37 2.78 13.25
N LYS B 79 -22.56 2.03 13.99
CA LYS B 79 -21.44 2.62 14.71
C LYS B 79 -20.12 2.52 13.95
N ASP B 80 -20.02 1.59 13.00
CA ASP B 80 -18.79 1.41 12.25
C ASP B 80 -18.68 2.46 11.15
N TRP B 81 -17.47 2.97 10.94
CA TRP B 81 -17.33 4.13 10.07
C TRP B 81 -17.35 3.78 8.59
N VAL B 82 -16.82 2.63 8.18
CA VAL B 82 -16.99 2.24 6.79
C VAL B 82 -18.47 2.04 6.48
N HIS B 83 -19.19 1.36 7.39
CA HIS B 83 -20.64 1.24 7.28
C HIS B 83 -21.32 2.60 7.12
N LYS B 84 -20.99 3.56 8.00
CA LYS B 84 -21.57 4.89 7.91
C LYS B 84 -21.28 5.54 6.56
N GLU B 85 -20.04 5.42 6.08
CA GLU B 85 -19.68 6.04 4.81
C GLU B 85 -20.42 5.41 3.64
N ILE B 86 -20.55 4.09 3.65
CA ILE B 86 -21.26 3.39 2.57
C ILE B 86 -22.72 3.81 2.54
N VAL B 87 -23.37 3.83 3.70
CA VAL B 87 -24.80 4.18 3.74
C VAL B 87 -25.01 5.59 3.21
N THR B 88 -24.13 6.53 3.59
CA THR B 88 -24.22 7.88 3.07
C THR B 88 -24.07 7.87 1.55
N ALA B 89 -23.01 7.23 1.05
CA ALA B 89 -22.78 7.15 -0.39
C ALA B 89 -23.96 6.53 -1.10
N LEU B 90 -24.56 5.50 -0.52
CA LEU B 90 -25.71 4.85 -1.16
C LEU B 90 -26.92 5.76 -1.19
N SER B 91 -27.20 6.44 -0.07
CA SER B 91 -28.40 7.26 0.01
C SER B 91 -28.31 8.56 -0.81
N CYS B 92 -27.10 9.03 -1.10
CA CYS B 92 -26.93 10.16 -2.01
C CYS B 92 -26.82 9.75 -3.48
N GLY B 93 -26.94 8.46 -3.80
CA GLY B 93 -26.76 8.02 -5.17
C GLY B 93 -25.39 8.33 -5.74
N LYS B 94 -24.35 8.22 -4.93
CA LYS B 94 -23.00 8.51 -5.39
C LYS B 94 -22.53 7.47 -6.40
N ASN B 95 -21.52 7.85 -7.18
CA ASN B 95 -20.81 6.94 -8.06
C ASN B 95 -19.87 6.10 -7.20
N ILE B 96 -20.31 4.89 -6.85
CA ILE B 96 -19.57 4.00 -5.97
C ILE B 96 -18.66 3.10 -6.81
N VAL B 97 -17.37 3.11 -6.51
CA VAL B 97 -16.41 2.34 -7.28
C VAL B 97 -15.62 1.46 -6.32
N PRO B 98 -16.04 0.21 -6.10
CA PRO B 98 -15.28 -0.67 -5.22
C PRO B 98 -13.98 -1.13 -5.87
N ILE B 99 -12.92 -1.15 -5.07
CA ILE B 99 -11.60 -1.62 -5.50
C ILE B 99 -11.33 -2.94 -4.79
N ILE B 100 -11.19 -4.01 -5.56
CA ILE B 100 -11.16 -5.35 -5.01
C ILE B 100 -9.72 -5.77 -4.82
N ASP B 101 -9.29 -5.96 -3.57
CA ASP B 101 -7.92 -6.36 -3.29
C ASP B 101 -7.92 -7.55 -2.33
N GLY B 102 -8.16 -8.75 -2.85
CA GLY B 102 -8.25 -9.92 -2.00
C GLY B 102 -9.51 -10.01 -1.19
N PHE B 103 -10.51 -9.19 -1.50
CA PHE B 103 -11.81 -9.26 -0.85
C PHE B 103 -12.55 -10.50 -1.33
N GLU B 104 -13.25 -11.15 -0.41
CA GLU B 104 -14.09 -12.27 -0.79
C GLU B 104 -15.55 -11.85 -0.67
N TRP B 105 -16.32 -12.19 -1.69
CA TRP B 105 -17.69 -11.71 -1.79
C TRP B 105 -18.57 -12.41 -0.78
N PRO B 106 -19.15 -11.70 0.18
CA PRO B 106 -19.96 -12.34 1.20
C PRO B 106 -21.41 -12.45 0.75
N GLU B 107 -22.12 -13.36 1.41
CA GLU B 107 -23.56 -13.41 1.22
C GLU B 107 -24.17 -12.10 1.75
N PRO B 108 -25.12 -11.51 1.01
CA PRO B 108 -25.68 -10.22 1.46
C PRO B 108 -26.26 -10.26 2.86
N GLN B 109 -26.86 -11.39 3.27
CA GLN B 109 -27.55 -11.44 4.55
C GLN B 109 -26.62 -11.26 5.76
N VAL B 110 -25.30 -11.36 5.58
CA VAL B 110 -24.38 -11.12 6.70
C VAL B 110 -24.18 -9.65 7.00
N LEU B 111 -24.59 -8.75 6.07
CA LEU B 111 -24.47 -7.29 6.18
C LEU B 111 -25.79 -6.67 6.60
N PRO B 112 -25.74 -5.55 7.33
CA PRO B 112 -26.97 -4.82 7.64
C PRO B 112 -27.68 -4.41 6.36
N GLU B 113 -29.02 -4.36 6.43
CA GLU B 113 -29.81 -4.20 5.21
C GLU B 113 -29.53 -2.88 4.52
N ASP B 114 -29.19 -1.84 5.28
CA ASP B 114 -28.99 -0.52 4.69
C ASP B 114 -27.72 -0.41 3.85
N MET B 115 -26.84 -1.41 3.86
CA MET B 115 -25.62 -1.36 3.06
C MET B 115 -25.46 -2.52 2.09
N GLN B 116 -26.39 -3.49 2.08
CA GLN B 116 -26.27 -4.63 1.18
C GLN B 116 -26.18 -4.22 -0.28
N ALA B 117 -26.79 -3.09 -0.67
CA ALA B 117 -26.72 -2.68 -2.06
C ALA B 117 -25.31 -2.35 -2.52
N VAL B 118 -24.33 -2.22 -1.62
CA VAL B 118 -22.97 -1.89 -2.08
C VAL B 118 -22.40 -3.02 -2.94
N LEU B 119 -22.80 -4.28 -2.70
CA LEU B 119 -22.29 -5.41 -3.47
C LEU B 119 -22.84 -5.45 -4.89
N THR B 120 -23.85 -4.65 -5.21
CA THR B 120 -24.41 -4.57 -6.55
C THR B 120 -23.65 -3.59 -7.45
N PHE B 121 -22.61 -2.93 -6.95
CA PHE B 121 -21.84 -2.03 -7.80
C PHE B 121 -20.67 -2.78 -8.42
N ASN B 122 -20.37 -2.46 -9.68
CA ASN B 122 -19.27 -3.11 -10.41
C ASN B 122 -17.92 -2.74 -9.82
N GLY B 123 -17.15 -3.74 -9.42
CA GLY B 123 -15.85 -3.53 -8.78
C GLY B 123 -14.67 -3.73 -9.72
N ILE B 124 -13.56 -3.07 -9.40
CA ILE B 124 -12.34 -3.17 -10.18
C ILE B 124 -11.35 -4.04 -9.40
N LYS B 125 -10.89 -5.12 -10.02
CA LYS B 125 -9.91 -5.98 -9.37
C LYS B 125 -8.55 -5.32 -9.44
N TRP B 126 -7.91 -5.17 -8.28
CA TRP B 126 -6.57 -4.59 -8.21
C TRP B 126 -5.53 -5.63 -8.62
N SER B 127 -4.63 -5.26 -9.54
CA SER B 127 -3.60 -6.17 -10.03
C SER B 127 -2.22 -5.64 -9.70
N HIS B 128 -1.49 -6.35 -8.81
CA HIS B 128 -0.14 -5.94 -8.44
C HIS B 128 0.79 -5.86 -9.66
N GLU B 129 0.66 -6.80 -10.58
CA GLU B 129 1.53 -6.87 -11.76
C GLU B 129 1.15 -5.82 -12.81
N TYR B 130 -0.10 -5.37 -12.85
CA TYR B 130 -0.59 -4.43 -13.87
C TYR B 130 -1.27 -3.23 -13.19
N GLN B 131 -0.51 -2.53 -12.35
CA GLN B 131 -1.07 -1.44 -11.55
C GLN B 131 -1.44 -0.25 -12.42
N GLU B 132 -0.59 0.08 -13.40
CA GLU B 132 -0.91 1.22 -14.25
C GLU B 132 -2.23 0.99 -14.98
N ALA B 133 -2.44 -0.23 -15.49
CA ALA B 133 -3.70 -0.54 -16.17
C ALA B 133 -4.87 -0.55 -15.20
N THR B 134 -4.65 -0.96 -13.94
CA THR B 134 -5.70 -0.87 -12.95
C THR B 134 -6.11 0.58 -12.70
N ILE B 135 -5.11 1.48 -12.56
CA ILE B 135 -5.40 2.89 -12.34
C ILE B 135 -6.17 3.47 -13.52
N GLU B 136 -5.72 3.15 -14.74
CA GLU B 136 -6.41 3.63 -15.93
C GLU B 136 -7.89 3.22 -15.94
N LYS B 137 -8.18 1.99 -15.51
CA LYS B 137 -9.57 1.56 -15.41
C LYS B 137 -10.33 2.34 -14.32
N ILE B 138 -9.71 2.57 -13.16
CA ILE B 138 -10.39 3.35 -12.13
C ILE B 138 -10.75 4.74 -12.67
N ILE B 139 -9.85 5.36 -13.43
CA ILE B 139 -10.12 6.70 -13.95
C ILE B 139 -11.31 6.69 -14.89
N ARG B 140 -11.43 5.66 -15.73
CA ARG B 140 -12.58 5.53 -16.61
C ARG B 140 -13.88 5.40 -15.81
N PHE B 141 -13.84 4.70 -14.67
CA PHE B 141 -15.07 4.58 -13.88
C PHE B 141 -15.42 5.90 -13.20
N LEU B 142 -14.47 6.81 -13.06
CA LEU B 142 -14.71 8.04 -12.34
C LEU B 142 -15.51 9.03 -13.18
N GLN B 143 -16.26 9.88 -12.48
CA GLN B 143 -17.18 10.87 -13.08
C GLN B 143 -16.67 12.30 -12.90
#